data_8GGG
#
_entry.id   8GGG
#
_cell.length_a   110.082
_cell.length_b   32.092
_cell.length_c   65.808
_cell.angle_alpha   90.000
_cell.angle_beta   94.470
_cell.angle_gamma   90.000
#
_symmetry.space_group_name_H-M   'C 1 2 1'
#
loop_
_entity.id
_entity.type
_entity.pdbx_description
1 polymer 'Ribonuclease pancreatic'
2 non-polymer "adenosine 5'-hexaphosphate"
3 non-polymer GLYCEROL
4 water water
#
_entity_poly.entity_id   1
_entity_poly.type   'polypeptide(L)'
_entity_poly.pdbx_seq_one_letter_code
;KETAAAKFERQHMDSSTSAASSSNYCNQMMKSRNLTKDRCKPVNTFVHESLADVQAVCSQKNVACKNGQTNCYQSYSTMS
ITDCRETGSSKYPNCAYKTTQANKHIIVACEGNPYVPVHFDASV
;
_entity_poly.pdbx_strand_id   A,B
#
loop_
_chem_comp.id
_chem_comp.type
_chem_comp.name
_chem_comp.formula
GOL non-polymer GLYCEROL 'C3 H8 O3'
ZF9 RNA linking 'adenosine 5'-hexaphosphate' 'C10 H19 N5 O22 P6'
#
# COMPACT_ATOMS: atom_id res chain seq x y z
N LYS A 1 7.30 8.89 -27.54
CA LYS A 1 8.53 8.18 -27.21
C LYS A 1 8.34 7.36 -25.94
N GLU A 2 7.55 7.90 -24.99
CA GLU A 2 7.31 7.23 -23.71
C GLU A 2 6.30 7.97 -22.85
N THR A 3 5.32 7.25 -22.30
CA THR A 3 4.39 7.84 -21.35
C THR A 3 4.99 7.92 -19.94
N ALA A 4 4.45 8.82 -19.12
CA ALA A 4 5.05 9.07 -17.82
C ALA A 4 5.04 7.82 -16.94
N ALA A 5 3.99 7.01 -17.06
CA ALA A 5 3.90 5.80 -16.24
C ALA A 5 4.90 4.76 -16.70
N ALA A 6 5.12 4.65 -18.02
CA ALA A 6 6.13 3.71 -18.49
C ALA A 6 7.54 4.22 -18.19
N LYS A 7 7.75 5.54 -18.29
CA LYS A 7 9.05 6.08 -17.89
C LYS A 7 9.34 5.79 -16.42
N PHE A 8 8.31 5.87 -15.57
CA PHE A 8 8.50 5.56 -14.16
C PHE A 8 8.97 4.13 -13.98
N GLU A 9 8.32 3.20 -14.67
CA GLU A 9 8.72 1.79 -14.53
C GLU A 9 10.14 1.59 -15.02
N ARG A 10 10.50 2.19 -16.17
CA ARG A 10 11.85 2.03 -16.69
C ARG A 10 12.88 2.57 -15.70
N GLN A 11 12.60 3.73 -15.08
CA GLN A 11 13.60 4.38 -14.22
C GLN A 11 13.66 3.78 -12.83
N HIS A 12 12.58 3.17 -12.34
CA HIS A 12 12.45 2.93 -10.91
C HIS A 12 12.07 1.51 -10.50
N MET A 13 11.57 0.67 -11.40
CA MET A 13 11.16 -0.68 -11.01
C MET A 13 12.25 -1.70 -11.28
N ASP A 14 12.58 -2.51 -10.25
CA ASP A 14 13.40 -3.71 -10.43
C ASP A 14 12.72 -4.84 -9.66
N SER A 15 11.64 -5.39 -10.24
CA SER A 15 10.95 -6.50 -9.60
C SER A 15 11.73 -7.82 -9.70
N SER A 16 12.86 -7.85 -10.38
CA SER A 16 13.57 -9.10 -10.64
C SER A 16 14.66 -9.41 -9.62
N THR A 17 14.95 -8.50 -8.70
CA THR A 17 15.93 -8.74 -7.66
C THR A 17 15.36 -8.27 -6.33
N SER A 18 15.70 -8.98 -5.24
CA SER A 18 15.17 -8.53 -3.97
C SER A 18 16.00 -7.39 -3.38
N ALA A 19 17.21 -7.17 -3.90
CA ALA A 19 18.12 -6.14 -3.42
C ALA A 19 19.21 -5.98 -4.47
N ALA A 20 19.96 -4.88 -4.37
CA ALA A 20 21.16 -4.75 -5.17
C ALA A 20 22.18 -5.81 -4.76
N SER A 21 22.65 -6.60 -5.72
CA SER A 21 23.55 -7.70 -5.38
C SER A 21 24.98 -7.26 -5.13
N SER A 22 25.36 -6.05 -5.56
CA SER A 22 26.74 -5.64 -5.46
C SER A 22 26.82 -4.13 -5.47
N SER A 23 27.98 -3.61 -5.04
CA SER A 23 28.18 -2.17 -5.12
C SER A 23 28.22 -1.67 -6.57
N ASN A 24 28.24 -2.56 -7.56
CA ASN A 24 28.24 -2.13 -8.95
C ASN A 24 26.82 -2.12 -9.53
N TYR A 25 25.82 -2.40 -8.69
CA TYR A 25 24.43 -2.45 -9.14
C TYR A 25 24.04 -1.17 -9.87
N CYS A 26 24.30 -0.02 -9.25
CA CYS A 26 23.86 1.23 -9.86
C CYS A 26 24.55 1.50 -11.19
N ASN A 27 25.88 1.29 -11.24
CA ASN A 27 26.61 1.46 -12.48
C ASN A 27 25.97 0.66 -13.61
N GLN A 28 25.65 -0.61 -13.33
CA GLN A 28 25.02 -1.45 -14.35
C GLN A 28 23.62 -0.98 -14.67
N MET A 29 22.82 -0.76 -13.65
CA MET A 29 21.40 -0.52 -13.90
C MET A 29 21.16 0.87 -14.49
N MET A 30 21.95 1.87 -14.09
CA MET A 30 21.67 3.18 -14.67
C MET A 30 22.03 3.19 -16.14
N LYS A 31 23.02 2.37 -16.54
CA LYS A 31 23.31 2.23 -17.97
C LYS A 31 22.19 1.47 -18.67
N SER A 32 21.82 0.31 -18.13
CA SER A 32 20.84 -0.55 -18.79
C SER A 32 19.50 0.12 -18.98
N ARG A 33 19.10 0.97 -18.04
CA ARG A 33 17.81 1.64 -18.10
C ARG A 33 17.89 2.94 -18.90
N ASN A 34 19.05 3.24 -19.49
CA ASN A 34 19.29 4.39 -20.37
C ASN A 34 19.25 5.71 -19.59
N LEU A 35 19.75 5.68 -18.37
CA LEU A 35 19.87 6.88 -17.56
C LEU A 35 21.23 7.52 -17.67
N THR A 36 22.13 6.99 -18.51
CA THR A 36 23.45 7.57 -18.72
C THR A 36 23.66 7.95 -20.19
N LYS A 37 22.57 8.10 -20.94
CA LYS A 37 22.66 8.21 -22.39
C LYS A 37 23.23 9.55 -22.83
N ASP A 38 22.59 10.65 -22.45
CA ASP A 38 23.02 11.99 -22.82
C ASP A 38 23.70 12.74 -21.69
N ARG A 39 23.54 12.25 -20.46
CA ARG A 39 24.18 12.80 -19.28
C ARG A 39 24.11 11.71 -18.22
N CYS A 40 24.80 11.92 -17.12
CA CYS A 40 24.68 11.03 -15.97
C CYS A 40 23.53 11.55 -15.12
N LYS A 41 22.44 10.82 -15.08
CA LYS A 41 21.39 11.17 -14.14
C LYS A 41 22.02 11.13 -12.75
N PRO A 42 21.94 12.21 -11.97
CA PRO A 42 22.76 12.30 -10.74
C PRO A 42 22.25 11.44 -9.59
N VAL A 43 20.93 11.27 -9.47
CA VAL A 43 20.33 10.47 -8.41
C VAL A 43 19.16 9.68 -8.99
N ASN A 44 19.02 8.42 -8.58
CA ASN A 44 17.89 7.60 -8.99
C ASN A 44 17.64 6.54 -7.93
N THR A 45 16.39 6.11 -7.80
CA THR A 45 16.05 5.04 -6.87
C THR A 45 15.38 3.90 -7.60
N PHE A 46 15.85 2.67 -7.35
CA PHE A 46 15.16 1.48 -7.83
C PHE A 46 14.44 0.81 -6.67
N VAL A 47 13.25 0.30 -6.94
CA VAL A 47 12.39 -0.32 -5.95
C VAL A 47 12.32 -1.80 -6.25
N HIS A 48 12.70 -2.60 -5.26
CA HIS A 48 12.67 -4.05 -5.39
C HIS A 48 11.34 -4.61 -4.88
N GLU A 49 10.25 -4.23 -5.56
CA GLU A 49 8.92 -4.73 -5.23
C GLU A 49 8.18 -4.93 -6.53
N SER A 50 6.98 -5.49 -6.45
CA SER A 50 6.16 -5.60 -7.65
C SER A 50 5.65 -4.21 -8.06
N LEU A 51 5.38 -4.07 -9.36
CA LEU A 51 4.76 -2.83 -9.82
C LEU A 51 3.45 -2.58 -9.09
N ALA A 52 2.67 -3.65 -8.86
CA ALA A 52 1.40 -3.50 -8.17
C ALA A 52 1.59 -2.89 -6.80
N ASP A 53 2.56 -3.39 -6.04
CA ASP A 53 2.81 -2.85 -4.71
C ASP A 53 3.20 -1.38 -4.76
N VAL A 54 3.92 -0.97 -5.80
CA VAL A 54 4.33 0.43 -5.91
C VAL A 54 3.15 1.28 -6.39
N GLN A 55 2.34 0.76 -7.32
CA GLN A 55 1.14 1.45 -7.77
C GLN A 55 0.17 1.67 -6.62
N ALA A 56 0.12 0.70 -5.70
CA ALA A 56 -0.77 0.78 -4.55
C ALA A 56 -0.41 1.93 -3.64
N VAL A 57 0.84 2.41 -3.69
CA VAL A 57 1.23 3.56 -2.88
C VAL A 57 0.39 4.77 -3.23
N CYS A 58 -0.09 4.85 -4.47
CA CYS A 58 -0.96 5.95 -4.90
C CYS A 58 -2.24 6.04 -4.09
N SER A 59 -2.59 5.03 -3.30
CA SER A 59 -3.75 5.10 -2.41
C SER A 59 -3.35 5.02 -0.94
N GLN A 60 -2.11 5.38 -0.62
CA GLN A 60 -1.67 5.30 0.76
C GLN A 60 -1.56 6.72 1.33
N LYS A 61 -0.50 7.06 2.05
CA LYS A 61 -0.50 8.29 2.84
C LYS A 61 -0.23 9.49 1.95
N ASN A 62 -1.23 10.39 1.84
CA ASN A 62 -1.10 11.57 0.98
C ASN A 62 -0.20 12.61 1.63
N VAL A 63 0.83 13.03 0.89
CA VAL A 63 1.81 13.96 1.41
C VAL A 63 2.13 14.99 0.33
N ALA A 64 2.60 16.15 0.77
CA ALA A 64 3.03 17.18 -0.15
C ALA A 64 4.26 16.74 -0.94
N CYS A 65 4.23 17.04 -2.23
CA CYS A 65 5.35 16.82 -3.14
C CYS A 65 6.40 17.91 -2.96
N LYS A 66 7.65 17.55 -3.23
CA LYS A 66 8.74 18.52 -3.17
C LYS A 66 8.43 19.74 -4.03
N ASN A 67 7.87 19.54 -5.22
CA ASN A 67 7.53 20.69 -6.06
C ASN A 67 6.28 21.43 -5.59
N GLY A 68 5.68 21.02 -4.47
CA GLY A 68 4.54 21.72 -3.94
C GLY A 68 3.21 21.25 -4.46
N GLN A 69 3.18 20.40 -5.48
CA GLN A 69 1.94 19.73 -5.80
C GLN A 69 1.52 18.86 -4.63
N THR A 70 0.25 18.45 -4.67
CA THR A 70 -0.34 17.71 -3.56
C THR A 70 -0.62 16.25 -3.92
N ASN A 71 -0.14 15.78 -5.06
CA ASN A 71 -0.45 14.43 -5.54
C ASN A 71 0.64 13.42 -5.19
N CYS A 72 1.30 13.59 -4.05
CA CYS A 72 2.31 12.64 -3.62
C CYS A 72 1.79 11.76 -2.50
N TYR A 73 2.37 10.57 -2.42
CA TYR A 73 1.89 9.54 -1.51
C TYR A 73 3.08 8.79 -0.93
N GLN A 74 3.02 8.53 0.38
CA GLN A 74 4.07 7.83 1.09
C GLN A 74 3.62 6.41 1.42
N SER A 75 4.48 5.44 1.14
CA SER A 75 4.12 4.05 1.37
C SER A 75 3.99 3.79 2.87
N TYR A 76 2.91 3.09 3.24
CA TYR A 76 2.72 2.69 4.63
C TYR A 76 3.89 1.85 5.14
N SER A 77 4.38 0.93 4.32
CA SER A 77 5.45 0.03 4.71
C SER A 77 6.77 0.45 4.08
N THR A 78 7.87 -0.01 4.69
CA THR A 78 9.15 0.08 4.02
C THR A 78 9.18 -0.89 2.85
N MET A 79 10.12 -0.64 1.96
CA MET A 79 10.20 -1.31 0.69
C MET A 79 11.69 -1.49 0.47
N SER A 80 12.10 -2.60 -0.14
CA SER A 80 13.51 -2.74 -0.50
C SER A 80 13.84 -1.78 -1.64
N ILE A 81 14.79 -0.88 -1.41
CA ILE A 81 15.14 0.11 -2.41
C ILE A 81 16.65 0.14 -2.56
N THR A 82 17.10 0.68 -3.70
CA THR A 82 18.51 0.91 -3.94
C THR A 82 18.64 2.35 -4.42
N ASP A 83 19.38 3.15 -3.66
CA ASP A 83 19.66 4.53 -4.03
C ASP A 83 20.92 4.57 -4.88
N CYS A 84 20.86 5.28 -6.00
CA CYS A 84 22.01 5.44 -6.87
C CYS A 84 22.33 6.93 -6.89
N ARG A 85 23.57 7.28 -6.52
CA ARG A 85 24.01 8.67 -6.52
C ARG A 85 25.35 8.78 -7.23
N GLU A 86 25.46 9.76 -8.12
CA GLU A 86 26.70 9.95 -8.84
C GLU A 86 27.83 10.21 -7.85
N THR A 87 29.01 9.65 -8.12
CA THR A 87 30.19 9.92 -7.32
C THR A 87 30.90 11.16 -7.84
N GLY A 88 31.93 11.59 -7.09
CA GLY A 88 32.78 12.68 -7.54
C GLY A 88 33.74 12.28 -8.64
N SER A 89 34.11 10.99 -8.70
CA SER A 89 34.93 10.49 -9.80
C SER A 89 34.16 10.34 -11.10
N SER A 90 32.83 10.50 -11.06
CA SER A 90 31.98 10.35 -12.24
C SER A 90 32.11 11.55 -13.16
N LYS A 91 32.29 11.27 -14.45
CA LYS A 91 32.26 12.30 -15.48
C LYS A 91 31.70 11.64 -16.74
N TYR A 92 30.65 12.23 -17.28
CA TYR A 92 30.05 11.71 -18.50
C TYR A 92 31.09 11.58 -19.61
N PRO A 93 31.04 10.51 -20.43
CA PRO A 93 30.09 9.40 -20.39
C PRO A 93 30.49 8.27 -19.44
N ASN A 94 31.56 8.41 -18.66
CA ASN A 94 31.95 7.41 -17.66
C ASN A 94 31.21 7.69 -16.36
N CYS A 95 29.91 7.43 -16.38
CA CYS A 95 29.08 7.68 -15.21
C CYS A 95 29.38 6.63 -14.15
N ALA A 96 29.62 7.08 -12.92
CA ALA A 96 29.92 6.20 -11.80
C ALA A 96 29.03 6.55 -10.62
N TYR A 97 28.54 5.53 -9.93
CA TYR A 97 27.50 5.70 -8.93
C TYR A 97 27.87 4.97 -7.65
N LYS A 98 27.50 5.56 -6.54
CA LYS A 98 27.49 4.84 -5.29
C LYS A 98 26.14 4.13 -5.16
N THR A 99 26.20 2.90 -4.69
CA THR A 99 25.02 2.05 -4.52
C THR A 99 24.69 1.96 -3.05
N THR A 100 23.44 2.30 -2.68
CA THR A 100 22.98 2.21 -1.31
C THR A 100 21.70 1.40 -1.25
N GLN A 101 21.78 0.23 -0.61
CA GLN A 101 20.65 -0.68 -0.44
C GLN A 101 20.05 -0.48 0.96
N ALA A 102 18.74 -0.29 1.03
CA ALA A 102 18.10 0.04 2.30
C ALA A 102 16.62 -0.33 2.25
N ASN A 103 16.00 -0.41 3.43
CA ASN A 103 14.55 -0.51 3.55
C ASN A 103 14.04 0.89 3.91
N LYS A 104 13.33 1.53 2.98
CA LYS A 104 12.78 2.85 3.23
C LYS A 104 11.34 2.89 2.74
N HIS A 105 10.59 3.85 3.28
CA HIS A 105 9.31 4.21 2.71
C HIS A 105 9.57 5.00 1.45
N ILE A 106 8.76 4.80 0.41
CA ILE A 106 8.94 5.58 -0.82
C ILE A 106 7.83 6.61 -0.91
N ILE A 107 8.12 7.73 -1.60
CA ILE A 107 7.15 8.78 -1.89
C ILE A 107 7.11 8.97 -3.40
N VAL A 108 5.93 8.77 -4.01
CA VAL A 108 5.75 8.94 -5.43
C VAL A 108 4.59 9.90 -5.69
N ALA A 109 4.64 10.55 -6.84
CA ALA A 109 3.55 11.37 -7.36
C ALA A 109 2.74 10.51 -8.31
N CYS A 110 1.43 10.64 -8.23
CA CYS A 110 0.53 9.81 -9.02
C CYS A 110 -0.40 10.68 -9.83
N GLU A 111 -0.65 10.25 -11.06
CA GLU A 111 -1.58 10.96 -11.93
C GLU A 111 -2.34 9.96 -12.78
N GLY A 112 -3.46 10.43 -13.32
CA GLY A 112 -4.09 9.75 -14.43
C GLY A 112 -5.30 8.94 -13.99
N ASN A 113 -5.97 8.41 -15.00
CA ASN A 113 -7.00 7.40 -14.82
C ASN A 113 -6.59 6.27 -15.75
N PRO A 114 -6.07 5.15 -15.23
CA PRO A 114 -5.89 4.80 -13.81
C PRO A 114 -4.83 5.67 -13.12
N TYR A 115 -4.96 5.77 -11.80
CA TYR A 115 -4.10 6.62 -10.97
C TYR A 115 -2.82 5.87 -10.66
N VAL A 116 -1.71 6.28 -11.27
CA VAL A 116 -0.49 5.48 -11.26
C VAL A 116 0.71 6.37 -11.00
N PRO A 117 1.82 5.79 -10.54
CA PRO A 117 3.02 6.57 -10.25
C PRO A 117 3.62 7.13 -11.52
N VAL A 118 3.99 8.42 -11.48
CA VAL A 118 4.57 9.08 -12.64
C VAL A 118 5.86 9.78 -12.27
N HIS A 119 6.20 9.82 -10.99
CA HIS A 119 7.39 10.51 -10.56
C HIS A 119 7.80 9.95 -9.21
N PHE A 120 9.10 9.76 -9.03
CA PHE A 120 9.62 9.27 -7.76
C PHE A 120 10.14 10.50 -7.00
N ASP A 121 9.51 10.80 -5.86
CA ASP A 121 9.82 12.07 -5.20
C ASP A 121 10.92 11.95 -4.15
N ALA A 122 10.85 10.92 -3.30
CA ALA A 122 11.80 10.78 -2.21
C ALA A 122 11.62 9.39 -1.58
N SER A 123 12.59 9.01 -0.76
CA SER A 123 12.44 7.87 0.12
C SER A 123 12.78 8.32 1.53
N VAL A 124 12.00 7.84 2.51
CA VAL A 124 12.12 8.32 3.88
C VAL A 124 12.26 7.17 4.86
N LYS B 1 2.98 4.07 16.91
CA LYS B 1 1.98 5.13 16.95
C LYS B 1 1.16 5.17 15.66
N GLU B 2 0.53 4.05 15.31
CA GLU B 2 -0.44 4.01 14.23
C GLU B 2 -1.81 4.43 14.75
N THR B 3 -2.48 5.32 14.02
CA THR B 3 -3.76 5.81 14.52
C THR B 3 -4.83 4.75 14.32
N ALA B 4 -5.93 4.91 15.07
CA ALA B 4 -7.02 3.94 14.96
C ALA B 4 -7.71 4.05 13.61
N ALA B 5 -7.70 5.25 13.02
CA ALA B 5 -8.23 5.41 11.67
C ALA B 5 -7.38 4.67 10.65
N ALA B 6 -6.06 4.77 10.76
CA ALA B 6 -5.20 4.04 9.84
C ALA B 6 -5.24 2.54 10.11
N LYS B 7 -5.33 2.16 11.39
CA LYS B 7 -5.43 0.75 11.74
C LYS B 7 -6.72 0.12 11.22
N PHE B 8 -7.82 0.89 11.26
CA PHE B 8 -9.05 0.39 10.65
C PHE B 8 -8.85 0.13 9.17
N GLU B 9 -8.19 1.05 8.48
CA GLU B 9 -7.95 0.86 7.05
C GLU B 9 -7.10 -0.39 6.81
N ARG B 10 -5.97 -0.48 7.51
CA ARG B 10 -5.09 -1.63 7.34
C ARG B 10 -5.82 -2.94 7.61
N GLN B 11 -6.68 -2.96 8.62
CA GLN B 11 -7.31 -4.20 9.04
C GLN B 11 -8.56 -4.55 8.23
N HIS B 12 -9.26 -3.55 7.65
CA HIS B 12 -10.59 -3.81 7.10
C HIS B 12 -10.88 -3.25 5.72
N MET B 13 -10.01 -2.44 5.12
CA MET B 13 -10.29 -1.86 3.81
C MET B 13 -9.53 -2.61 2.74
N ASP B 14 -10.26 -3.01 1.69
CA ASP B 14 -9.66 -3.59 0.49
C ASP B 14 -10.45 -3.07 -0.72
N SER B 15 -10.14 -1.84 -1.13
CA SER B 15 -10.79 -1.27 -2.29
C SER B 15 -10.19 -1.77 -3.60
N SER B 16 -9.07 -2.48 -3.54
CA SER B 16 -8.36 -2.83 -4.77
C SER B 16 -9.07 -3.94 -5.54
N THR B 17 -9.91 -4.72 -4.89
CA THR B 17 -10.74 -5.69 -5.57
C THR B 17 -12.20 -5.45 -5.18
N SER B 18 -13.09 -6.01 -5.99
CA SER B 18 -14.51 -5.86 -5.76
C SER B 18 -15.09 -6.98 -4.91
N ALA B 19 -14.44 -8.14 -4.90
CA ALA B 19 -14.87 -9.24 -4.03
C ALA B 19 -13.70 -10.19 -3.85
N ALA B 20 -13.89 -11.16 -2.95
CA ALA B 20 -12.91 -12.24 -2.82
C ALA B 20 -12.90 -13.02 -4.12
N SER B 21 -11.73 -13.09 -4.74
CA SER B 21 -11.59 -13.76 -6.04
C SER B 21 -11.60 -15.27 -5.89
N SER B 22 -10.99 -15.80 -4.83
CA SER B 22 -10.82 -17.24 -4.65
C SER B 22 -10.99 -17.58 -3.18
N SER B 23 -11.00 -18.90 -2.92
CA SER B 23 -11.14 -19.42 -1.56
C SER B 23 -9.90 -19.14 -0.70
N ASN B 24 -8.79 -18.75 -1.29
CA ASN B 24 -7.57 -18.45 -0.56
C ASN B 24 -7.37 -16.95 -0.28
N TYR B 25 -8.41 -16.15 -0.52
CA TYR B 25 -8.32 -14.70 -0.32
C TYR B 25 -7.93 -14.37 1.12
N CYS B 26 -8.62 -14.96 2.10
CA CYS B 26 -8.33 -14.64 3.49
C CYS B 26 -6.93 -15.07 3.87
N ASN B 27 -6.46 -16.19 3.32
CA ASN B 27 -5.11 -16.66 3.62
C ASN B 27 -4.07 -15.60 3.28
N GLN B 28 -4.16 -15.03 2.08
CA GLN B 28 -3.13 -14.07 1.68
C GLN B 28 -3.33 -12.72 2.38
N MET B 29 -4.57 -12.24 2.49
CA MET B 29 -4.79 -10.91 3.07
C MET B 29 -4.55 -10.88 4.58
N MET B 30 -4.94 -11.93 5.31
CA MET B 30 -4.70 -11.87 6.76
C MET B 30 -3.22 -11.73 7.07
N LYS B 31 -2.36 -12.36 6.27
CA LYS B 31 -0.93 -12.29 6.53
C LYS B 31 -0.32 -11.00 5.99
N SER B 32 -0.75 -10.57 4.80
CA SER B 32 -0.14 -9.37 4.22
C SER B 32 -0.50 -8.12 5.01
N ARG B 33 -1.69 -8.06 5.57
CA ARG B 33 -2.08 -6.93 6.39
C ARG B 33 -1.52 -7.03 7.79
N ASN B 34 -0.69 -8.04 8.04
CA ASN B 34 -0.01 -8.27 9.32
C ASN B 34 -0.96 -8.73 10.40
N LEU B 35 -2.08 -9.35 10.03
CA LEU B 35 -3.03 -9.85 11.00
C LEU B 35 -2.66 -11.22 11.55
N THR B 36 -1.53 -11.78 11.14
CA THR B 36 -1.05 -13.05 11.68
C THR B 36 0.37 -12.96 12.21
N LYS B 37 0.83 -11.75 12.55
CA LYS B 37 2.25 -11.53 12.87
C LYS B 37 2.66 -12.21 14.17
N ASP B 38 1.99 -11.86 15.26
CA ASP B 38 2.32 -12.43 16.57
C ASP B 38 1.31 -13.47 17.04
N ARG B 39 0.23 -13.66 16.30
CA ARG B 39 -0.85 -14.58 16.63
C ARG B 39 -1.79 -14.57 15.45
N CYS B 40 -2.57 -15.64 15.30
CA CYS B 40 -3.61 -15.65 14.26
C CYS B 40 -4.80 -14.85 14.78
N LYS B 41 -5.01 -13.66 14.23
CA LYS B 41 -6.23 -12.94 14.55
C LYS B 41 -7.41 -13.83 14.18
N PRO B 42 -8.33 -14.10 15.10
CA PRO B 42 -9.32 -15.16 14.84
C PRO B 42 -10.32 -14.83 13.74
N VAL B 43 -10.81 -13.58 13.71
CA VAL B 43 -11.86 -13.15 12.79
C VAL B 43 -11.51 -11.77 12.27
N ASN B 44 -11.84 -11.51 11.01
CA ASN B 44 -11.57 -10.20 10.43
C ASN B 44 -12.40 -10.05 9.16
N THR B 45 -12.93 -8.85 8.94
CA THR B 45 -13.75 -8.56 7.77
C THR B 45 -13.06 -7.51 6.93
N PHE B 46 -12.94 -7.78 5.63
CA PHE B 46 -12.48 -6.81 4.64
C PHE B 46 -13.65 -6.27 3.81
N VAL B 47 -13.62 -4.97 3.53
CA VAL B 47 -14.71 -4.29 2.83
C VAL B 47 -14.19 -3.86 1.46
N HIS B 48 -14.89 -4.30 0.40
CA HIS B 48 -14.52 -4.00 -0.98
C HIS B 48 -15.33 -2.82 -1.50
N GLU B 49 -15.07 -1.66 -0.93
CA GLU B 49 -15.68 -0.42 -1.36
C GLU B 49 -14.63 0.67 -1.28
N SER B 50 -14.93 1.81 -1.90
CA SER B 50 -14.02 2.95 -1.79
C SER B 50 -13.95 3.39 -0.33
N LEU B 51 -12.82 3.98 0.03
CA LEU B 51 -12.70 4.50 1.39
C LEU B 51 -13.72 5.61 1.61
N ALA B 52 -14.03 6.39 0.57
CA ALA B 52 -15.04 7.43 0.75
C ALA B 52 -16.38 6.83 1.15
N ASP B 53 -16.78 5.74 0.50
CA ASP B 53 -18.09 5.15 0.78
C ASP B 53 -18.15 4.59 2.19
N VAL B 54 -17.06 3.99 2.63
CA VAL B 54 -17.00 3.43 3.99
C VAL B 54 -16.98 4.55 5.03
N GLN B 55 -16.15 5.57 4.83
CA GLN B 55 -16.18 6.70 5.76
C GLN B 55 -17.57 7.34 5.83
N ALA B 56 -18.26 7.40 4.68
CA ALA B 56 -19.62 7.97 4.65
C ALA B 56 -20.56 7.23 5.58
N VAL B 57 -20.25 5.96 5.88
CA VAL B 57 -21.10 5.25 6.84
C VAL B 57 -21.14 6.00 8.17
N CYS B 58 -20.13 6.81 8.48
CA CYS B 58 -20.14 7.58 9.72
C CYS B 58 -21.22 8.64 9.76
N SER B 59 -21.89 8.90 8.65
CA SER B 59 -23.03 9.81 8.63
C SER B 59 -24.35 9.09 8.37
N GLN B 60 -24.38 7.77 8.54
CA GLN B 60 -25.60 7.00 8.27
C GLN B 60 -26.31 6.59 9.56
N LYS B 61 -26.75 5.33 9.70
CA LYS B 61 -27.67 4.97 10.76
C LYS B 61 -26.93 4.78 12.08
N ASN B 62 -27.21 5.66 13.05
CA ASN B 62 -26.56 5.63 14.36
C ASN B 62 -27.15 4.49 15.18
N VAL B 63 -26.29 3.58 15.64
CA VAL B 63 -26.67 2.43 16.45
C VAL B 63 -25.69 2.31 17.61
N ALA B 64 -26.10 1.59 18.63
CA ALA B 64 -25.17 1.28 19.71
C ALA B 64 -24.09 0.32 19.20
N CYS B 65 -22.90 0.43 19.78
CA CYS B 65 -21.82 -0.51 19.52
C CYS B 65 -21.99 -1.74 20.42
N LYS B 66 -21.19 -2.78 20.14
CA LYS B 66 -21.25 -3.98 20.97
C LYS B 66 -20.90 -3.68 22.43
N ASN B 67 -19.99 -2.75 22.68
CA ASN B 67 -19.66 -2.39 24.05
C ASN B 67 -20.68 -1.46 24.71
N GLY B 68 -21.72 -1.04 24.01
CA GLY B 68 -22.70 -0.16 24.59
C GLY B 68 -22.57 1.32 24.21
N GLN B 69 -21.39 1.76 23.77
CA GLN B 69 -21.25 3.11 23.27
C GLN B 69 -22.16 3.32 22.07
N THR B 70 -22.50 4.58 21.81
CA THR B 70 -23.40 4.87 20.70
C THR B 70 -22.72 5.70 19.60
N ASN B 71 -21.41 5.57 19.45
CA ASN B 71 -20.71 6.12 18.27
C ASN B 71 -20.55 5.08 17.15
N CYS B 72 -21.52 4.19 16.98
CA CYS B 72 -21.51 3.22 15.89
C CYS B 72 -22.55 3.57 14.84
N TYR B 73 -22.28 3.16 13.61
CA TYR B 73 -23.14 3.47 12.47
C TYR B 73 -23.26 2.24 11.58
N GLN B 74 -24.48 1.96 11.15
CA GLN B 74 -24.76 0.86 10.24
C GLN B 74 -24.92 1.44 8.85
N SER B 75 -24.28 0.82 7.86
CA SER B 75 -24.40 1.30 6.49
C SER B 75 -25.85 1.18 6.02
N TYR B 76 -26.33 2.24 5.38
CA TYR B 76 -27.64 2.16 4.74
C TYR B 76 -27.67 1.04 3.70
N SER B 77 -26.62 0.93 2.90
CA SER B 77 -26.52 -0.01 1.80
C SER B 77 -25.76 -1.24 2.26
N THR B 78 -26.11 -2.40 1.69
CA THR B 78 -25.20 -3.53 1.76
C THR B 78 -23.92 -3.18 1.02
N MET B 79 -22.79 -3.74 1.46
CA MET B 79 -21.59 -3.63 0.67
C MET B 79 -20.94 -5.00 0.52
N SER B 80 -20.05 -5.07 -0.47
CA SER B 80 -19.24 -6.25 -0.72
C SER B 80 -18.24 -6.42 0.41
N ILE B 81 -18.39 -7.50 1.17
CA ILE B 81 -17.47 -7.79 2.26
C ILE B 81 -16.97 -9.22 2.12
N THR B 82 -15.83 -9.48 2.73
CA THR B 82 -15.31 -10.84 2.86
C THR B 82 -15.05 -11.07 4.34
N ASP B 83 -15.79 -12.00 4.94
CA ASP B 83 -15.50 -12.40 6.31
C ASP B 83 -14.41 -13.46 6.33
N CYS B 84 -13.40 -13.24 7.15
CA CYS B 84 -12.30 -14.17 7.35
C CYS B 84 -12.45 -14.80 8.72
N ARG B 85 -12.38 -16.12 8.79
CA ARG B 85 -12.53 -16.81 10.06
C ARG B 85 -11.52 -17.94 10.11
N GLU B 86 -10.68 -17.91 11.14
CA GLU B 86 -9.70 -18.95 11.34
C GLU B 86 -10.37 -20.32 11.39
N THR B 87 -9.75 -21.30 10.72
CA THR B 87 -10.23 -22.67 10.77
C THR B 87 -9.92 -23.32 12.11
N GLY B 88 -10.61 -24.43 12.39
CA GLY B 88 -10.43 -25.11 13.66
C GLY B 88 -9.04 -25.69 13.82
N SER B 89 -8.42 -26.13 12.74
CA SER B 89 -7.11 -26.76 12.79
C SER B 89 -5.98 -25.76 12.65
N SER B 90 -6.28 -24.47 12.56
CA SER B 90 -5.25 -23.45 12.37
C SER B 90 -4.39 -23.31 13.61
N LYS B 91 -3.08 -23.16 13.41
CA LYS B 91 -2.13 -23.01 14.52
C LYS B 91 -1.04 -22.03 14.11
N TYR B 92 -0.92 -20.92 14.84
CA TYR B 92 0.19 -19.99 14.66
C TYR B 92 1.51 -20.75 14.59
N PRO B 93 2.44 -20.36 13.71
CA PRO B 93 2.42 -19.22 12.79
C PRO B 93 1.71 -19.52 11.50
N ASN B 94 1.21 -20.74 11.35
CA ASN B 94 0.70 -21.23 10.07
C ASN B 94 -0.82 -21.04 10.05
N CYS B 95 -1.21 -19.76 10.02
CA CYS B 95 -2.60 -19.38 10.19
C CYS B 95 -3.43 -19.69 8.95
N ALA B 96 -4.58 -20.34 9.15
CA ALA B 96 -5.45 -20.80 8.07
C ALA B 96 -6.86 -20.28 8.29
N TYR B 97 -7.50 -19.80 7.21
CA TYR B 97 -8.75 -19.05 7.31
C TYR B 97 -9.77 -19.54 6.29
N LYS B 98 -11.04 -19.51 6.68
CA LYS B 98 -12.14 -19.74 5.75
C LYS B 98 -12.61 -18.40 5.19
N THR B 99 -12.92 -18.39 3.89
CA THR B 99 -13.31 -17.17 3.19
C THR B 99 -14.82 -17.20 2.92
N THR B 100 -15.49 -16.07 3.15
CA THR B 100 -16.92 -15.97 2.86
C THR B 100 -17.17 -14.61 2.22
N GLN B 101 -17.40 -14.61 0.91
CA GLN B 101 -17.80 -13.39 0.21
C GLN B 101 -19.29 -13.16 0.40
N ALA B 102 -19.69 -11.91 0.53
CA ALA B 102 -21.11 -11.60 0.69
C ALA B 102 -21.33 -10.11 0.55
N ASN B 103 -22.60 -9.75 0.32
CA ASN B 103 -23.08 -8.38 0.38
C ASN B 103 -23.81 -8.19 1.69
N LYS B 104 -23.24 -7.37 2.60
CA LYS B 104 -23.85 -7.15 3.90
C LYS B 104 -23.74 -5.69 4.29
N HIS B 105 -24.58 -5.31 5.24
CA HIS B 105 -24.38 -4.02 5.90
C HIS B 105 -23.18 -4.14 6.82
N ILE B 106 -22.48 -3.03 7.02
CA ILE B 106 -21.37 -3.00 7.96
C ILE B 106 -21.74 -2.04 9.10
N ILE B 107 -21.20 -2.33 10.27
CA ILE B 107 -21.36 -1.46 11.45
C ILE B 107 -19.97 -1.10 11.93
N VAL B 108 -19.70 0.20 12.02
CA VAL B 108 -18.37 0.66 12.38
C VAL B 108 -18.52 1.70 13.47
N ALA B 109 -17.51 1.79 14.33
CA ALA B 109 -17.42 2.89 15.29
C ALA B 109 -16.62 4.03 14.65
N CYS B 110 -17.08 5.26 14.87
CA CYS B 110 -16.46 6.42 14.25
C CYS B 110 -15.99 7.41 15.31
N GLU B 111 -14.91 8.10 15.02
CA GLU B 111 -14.33 9.00 16.00
C GLU B 111 -13.44 10.02 15.30
N GLY B 112 -13.27 11.14 15.96
CA GLY B 112 -12.30 12.11 15.51
C GLY B 112 -12.83 13.07 14.47
N ASN B 113 -11.91 13.89 14.00
CA ASN B 113 -12.15 14.94 13.04
C ASN B 113 -11.03 14.89 12.02
N PRO B 114 -11.32 14.48 10.77
CA PRO B 114 -12.63 14.05 10.24
C PRO B 114 -13.18 12.77 10.90
N TYR B 115 -14.51 12.67 10.92
CA TYR B 115 -15.25 11.58 11.56
C TYR B 115 -15.17 10.33 10.68
N VAL B 116 -14.29 9.41 11.06
CA VAL B 116 -13.98 8.26 10.21
C VAL B 116 -14.01 7.00 11.06
N PRO B 117 -14.13 5.83 10.43
CA PRO B 117 -14.20 4.58 11.21
C PRO B 117 -12.88 4.31 11.91
N VAL B 118 -12.97 3.94 13.19
CA VAL B 118 -11.81 3.54 13.98
C VAL B 118 -11.94 2.12 14.52
N HIS B 119 -13.02 1.42 14.19
CA HIS B 119 -13.27 0.09 14.71
C HIS B 119 -14.40 -0.58 13.94
N PHE B 120 -14.21 -1.82 13.53
CA PHE B 120 -15.23 -2.58 12.82
C PHE B 120 -16.07 -3.34 13.84
N ASP B 121 -17.35 -2.97 13.98
CA ASP B 121 -18.17 -3.64 15.00
C ASP B 121 -18.70 -4.98 14.52
N ALA B 122 -19.21 -5.05 13.29
CA ALA B 122 -19.91 -6.26 12.81
C ALA B 122 -20.32 -6.04 11.37
N SER B 123 -20.70 -7.13 10.71
CA SER B 123 -21.44 -7.05 9.46
C SER B 123 -22.79 -7.74 9.67
N VAL B 124 -23.78 -7.28 8.92
CA VAL B 124 -25.14 -7.78 9.13
C VAL B 124 -25.91 -7.80 7.81
C10 ZF9 C . 11.11 16.79 -11.80
O17 ZF9 C . 14.54 12.84 -14.40
C01 ZF9 C . 9.81 17.24 -13.79
C02 ZF9 C . 8.44 17.22 -13.23
C03 ZF9 C . 8.19 15.82 -12.78
C04 ZF9 C . 8.06 16.46 -10.44
C05 ZF9 C . 5.97 15.94 -10.03
C06 ZF9 C . 6.22 15.61 -11.38
C07 ZF9 C . 4.15 14.89 -11.63
C08 ZF9 C . 4.72 15.70 -9.58
C09 ZF9 C . 10.52 16.18 -13.05
N01 ZF9 C . 7.50 15.94 -11.54
N02 ZF9 C . 7.18 16.49 -9.43
N03 ZF9 C . 5.34 15.08 -12.23
N04 ZF9 C . 3.80 15.18 -10.36
N05 ZF9 C . 4.38 16.00 -8.21
O01 ZF9 C . 9.74 16.96 -15.20
O02 ZF9 C . 9.51 15.18 -12.69
O03 ZF9 C . 7.47 17.65 -14.19
O04 ZF9 C . 12.18 16.04 -11.32
O05 ZF9 C . 14.76 15.85 -10.52
O06 ZF9 C . 14.63 15.10 -13.16
O07 ZF9 C . 12.31 13.81 -13.59
O08 ZF9 C . 12.52 11.22 -12.93
O09 ZF9 C . 13.56 9.92 -10.69
O10 ZF9 C . 15.63 10.89 -9.41
O11 ZF9 C . 13.66 11.11 -8.33
O12 ZF9 C . 14.69 8.99 -8.41
O13 ZF9 C . 12.08 12.03 -10.56
O14 ZF9 C . 11.00 10.10 -11.20
O15 ZF9 C . 11.50 12.00 -15.18
O16 ZF9 C . 10.21 12.34 -13.33
O18 ZF9 C . 13.76 14.60 -15.55
O19 ZF9 C . 16.49 14.28 -11.64
O20 ZF9 C . 14.45 13.38 -11.22
O21 ZF9 C . 12.99 17.05 -9.08
O22 ZF9 C . 13.60 18.15 -10.95
P01 ZF9 C . 13.39 16.78 -10.46
P02 ZF9 C . 15.08 14.65 -11.63
P03 ZF9 C . 13.82 14.10 -14.19
P04 ZF9 C . 11.61 12.33 -13.76
P05 ZF9 C . 12.29 10.80 -11.33
P06 ZF9 C . 14.36 10.19 -9.24
C10 ZF9 D . 1.21 -4.18 6.64
O17 ZF9 D . 6.49 -0.91 11.65
C01 ZF9 D . 1.19 -3.54 4.28
C02 ZF9 D . 0.66 -2.15 4.21
C03 ZF9 D . -0.77 -2.27 4.65
C04 ZF9 D . -0.63 -0.59 6.40
C05 ZF9 D . -2.47 0.55 5.95
C06 ZF9 D . -2.36 -0.50 5.00
C07 ZF9 D . -4.25 0.16 4.01
C08 ZF9 D . -3.54 1.38 5.82
C09 ZF9 D . 0.41 -4.20 5.37
N01 ZF9 D . -1.24 -1.12 5.35
N02 ZF9 D . -1.31 0.48 6.86
N03 ZF9 D . -3.23 -0.74 4.00
N04 ZF9 D . -4.43 1.19 4.86
N05 ZF9 D . -3.73 2.48 6.74
O01 ZF9 D . 0.92 -4.22 3.04
O02 ZF9 D . -0.83 -3.45 5.53
O03 ZF9 D . 0.74 -1.64 2.87
O04 ZF9 D . 1.69 -2.88 6.88
O05 ZF9 D . 3.48 -3.32 8.86
O06 ZF9 D . 4.65 -1.09 9.79
O07 ZF9 D . 5.96 1.22 10.25
O08 ZF9 D . 8.22 2.64 10.40
O09 ZF9 D . 8.82 0.65 8.63
O10 ZF9 D . 6.46 -0.20 7.98
O11 ZF9 D . 8.16 -1.46 7.10
O12 ZF9 D . 7.78 -1.65 9.34
O13 ZF9 D . 9.03 0.33 11.20
O14 ZF9 D . 10.58 1.64 10.22
O15 ZF9 D . 6.67 2.40 12.44
O16 ZF9 D . 5.94 3.75 10.76
O18 ZF9 D . 4.54 0.15 12.08
O19 ZF9 D . 5.69 -3.46 10.17
O20 ZF9 D . 5.69 -2.75 8.00
O21 ZF9 D . 1.13 -2.82 9.39
O22 ZF9 D . 2.27 -1.03 8.55
P01 ZF9 D . 2.14 -2.48 8.41
P02 ZF9 D . 4.91 -2.64 9.24
P03 ZF9 D . 5.43 -0.18 10.96
P04 ZF9 D . 6.68 2.52 10.98
P05 ZF9 D . 9.16 1.30 10.12
P06 ZF9 D . 7.83 -0.65 8.28
C1 GOL E . 7.14 -9.14 -8.16
O1 GOL E . 6.83 -9.15 -9.51
C2 GOL E . 6.92 -10.55 -7.61
O2 GOL E . 5.81 -10.63 -6.77
C3 GOL E . 8.26 -10.90 -6.89
O3 GOL E . 8.94 -9.69 -6.64
C10 ZF9 F . -10.85 -2.21 19.25
O17 ZF9 F . -10.52 -7.39 15.87
C01 ZF9 F . -10.82 -0.21 20.73
C02 ZF9 F . -10.95 1.24 20.51
C03 ZF9 F . -11.69 1.38 19.21
C04 ZF9 F . -13.40 3.10 19.30
C05 ZF9 F . -15.14 1.93 19.88
C06 ZF9 F . -14.05 1.02 19.78
C07 ZF9 F . -15.34 -0.68 20.35
C08 ZF9 F . -16.33 1.37 20.22
C09 ZF9 F . -10.64 -0.73 19.34
N01 ZF9 F . -13.03 1.82 19.43
N02 ZF9 F . -14.71 3.29 19.55
N03 ZF9 F . -14.10 -0.29 20.02
N04 ZF9 F . -16.44 0.07 20.45
N05 ZF9 F . -17.49 2.22 20.33
O01 ZF9 F . -9.70 -0.53 21.55
O02 ZF9 F . -11.61 0.05 18.58
O03 ZF9 F . -9.65 1.82 20.35
O04 ZF9 F . -9.82 -2.82 18.52
O05 ZF9 F . -11.09 -2.57 16.12
O06 ZF9 F . -10.53 -4.97 14.97
O07 ZF9 F . -9.72 -5.53 17.50
O08 ZF9 F . -7.97 -7.02 18.94
O09 ZF9 F . -9.89 -5.88 20.49
O10 ZF9 F . -11.53 -7.40 19.13
O11 ZF9 F . -12.28 -5.26 19.62
O12 ZF9 F . -12.20 -6.86 21.26
O13 ZF9 F . -7.56 -6.42 21.41
O14 ZF9 F . -8.92 -8.18 21.04
O15 ZF9 F . -7.38 -4.67 18.15
O16 ZF9 F . -7.40 -6.22 16.55
O18 ZF9 F . -12.10 -6.07 16.64
O19 ZF9 F . -11.35 -2.95 13.59
O20 ZF9 F . -12.87 -3.95 14.90
O21 ZF9 F . -9.06 -1.11 16.76
O22 ZF9 F . -8.63 -3.26 16.23
P01 ZF9 F . -9.65 -2.46 16.91
P02 ZF9 F . -11.45 -3.60 14.89
P03 ZF9 F . -10.70 -6.00 16.25
P04 ZF9 F . -8.12 -5.87 17.77
P05 ZF9 F . -8.58 -6.88 20.47
P06 ZF9 F . -11.44 -6.34 20.13
C1 GOL G . 1.33 -22.53 1.46
O1 GOL G . 0.27 -21.61 1.49
C2 GOL G . 2.63 -21.72 1.67
O2 GOL G . 2.91 -21.55 3.03
C3 GOL G . 2.38 -20.36 0.97
O3 GOL G . 2.31 -19.39 1.96
C1 GOL H . 6.67 -17.23 2.00
O1 GOL H . 6.27 -16.19 1.15
C2 GOL H . 5.48 -18.20 2.11
O2 GOL H . 5.38 -19.04 1.00
C3 GOL H . 5.74 -19.02 3.38
O3 GOL H . 5.55 -20.34 3.01
#